data_1JMV
#
_entry.id   1JMV
#
_cell.length_a   64.129
_cell.length_b   63.214
_cell.length_c   136.959
_cell.angle_alpha   90.00
_cell.angle_beta   90.00
_cell.angle_gamma   90.00
#
_symmetry.space_group_name_H-M   'P 21 21 21'
#
loop_
_entity.id
_entity.type
_entity.pdbx_description
1 polymer 'Universal Stress Protein A'
2 non-polymer 'SULFATE ION'
3 water water
#
_entity_poly.entity_id   1
_entity_poly.type   'polypeptide(L)'
_entity_poly.pdbx_seq_one_letter_code
;MYKHILVAVDLSEESPILLKKAVGIAKRHDAKLSIIHVDVNFSDLYTGLIDVNMSSMQDRISTETQKALLDLAESVDYPI
SEKLSGSGDLGQVLSDAIEQYDVDLLVTGHHQDFWSKLMSSTRQVMNTIKIDMLVVPLRDE
;
_entity_poly.pdbx_strand_id   A,B,C,D
#
loop_
_chem_comp.id
_chem_comp.type
_chem_comp.name
_chem_comp.formula
SO4 non-polymer 'SULFATE ION' 'O4 S -2'
#
# COMPACT_ATOMS: atom_id res chain seq x y z
N MET A 1 26.37 -17.74 -7.05
CA MET A 1 27.26 -17.18 -5.98
C MET A 1 27.57 -15.70 -6.26
N TYR A 2 27.49 -14.85 -5.23
CA TYR A 2 27.74 -13.42 -5.41
C TYR A 2 29.19 -13.09 -5.73
N LYS A 3 29.37 -12.17 -6.68
CA LYS A 3 30.70 -11.76 -7.07
C LYS A 3 31.05 -10.37 -6.53
N HIS A 4 30.02 -9.56 -6.26
CA HIS A 4 30.29 -8.20 -5.81
C HIS A 4 29.16 -7.65 -4.93
N ILE A 5 29.45 -7.51 -3.65
CA ILE A 5 28.45 -7.01 -2.71
C ILE A 5 28.66 -5.51 -2.47
N LEU A 6 27.56 -4.74 -2.42
CA LEU A 6 27.65 -3.29 -2.13
C LEU A 6 26.91 -3.05 -0.82
N VAL A 7 27.57 -2.47 0.19
CA VAL A 7 26.85 -2.17 1.42
C VAL A 7 26.66 -0.66 1.52
N ALA A 8 25.42 -0.22 1.75
CA ALA A 8 25.11 1.20 1.83
C ALA A 8 25.06 1.53 3.31
N VAL A 9 25.97 2.37 3.76
CA VAL A 9 26.01 2.73 5.17
C VAL A 9 25.38 4.10 5.35
N ASP A 10 24.75 4.33 6.50
CA ASP A 10 24.15 5.63 6.75
C ASP A 10 25.06 6.50 7.62
N LEU A 11 26.22 5.93 7.96
CA LEU A 11 27.24 6.58 8.77
C LEU A 11 26.85 6.78 10.23
N SER A 12 25.80 6.08 10.65
CA SER A 12 25.33 6.11 12.04
C SER A 12 26.33 5.28 12.83
N GLU A 13 26.27 5.35 14.17
CA GLU A 13 27.19 4.60 15.02
C GLU A 13 27.06 3.09 14.87
N GLU A 14 25.96 2.65 14.26
CA GLU A 14 25.71 1.22 14.05
C GLU A 14 26.27 0.70 12.72
N SER A 15 26.84 1.59 11.92
CA SER A 15 27.40 1.18 10.63
C SER A 15 28.35 -0.03 10.72
N PRO A 16 29.21 -0.11 11.75
CA PRO A 16 30.12 -1.26 11.86
C PRO A 16 29.38 -2.58 11.86
N ILE A 17 28.22 -2.61 12.52
CA ILE A 17 27.40 -3.82 12.59
C ILE A 17 26.98 -4.25 11.19
N LEU A 18 26.56 -3.29 10.38
CA LEU A 18 26.14 -3.59 9.03
C LEU A 18 27.34 -4.09 8.23
N LEU A 19 28.49 -3.43 8.43
CA LEU A 19 29.71 -3.83 7.73
C LEU A 19 30.14 -5.24 8.10
N LYS A 20 30.07 -5.58 9.39
CA LYS A 20 30.46 -6.93 9.80
C LYS A 20 29.58 -8.00 9.18
N LYS A 21 28.28 -7.76 9.13
CA LYS A 21 27.36 -8.71 8.52
C LYS A 21 27.73 -8.88 7.05
N ALA A 22 27.99 -7.77 6.36
CA ALA A 22 28.33 -7.82 4.94
C ALA A 22 29.65 -8.56 4.68
N VAL A 23 30.62 -8.41 5.59
CA VAL A 23 31.91 -9.11 5.43
C VAL A 23 31.71 -10.61 5.54
N GLY A 24 30.89 -11.01 6.52
CA GLY A 24 30.59 -12.42 6.74
C GLY A 24 30.06 -13.03 5.46
N ILE A 25 29.21 -12.29 4.76
CA ILE A 25 28.66 -12.78 3.51
C ILE A 25 29.72 -12.80 2.41
N ALA A 26 30.54 -11.75 2.33
CA ALA A 26 31.55 -11.67 1.28
C ALA A 26 32.54 -12.84 1.35
N LYS A 27 32.90 -13.23 2.57
CA LYS A 27 33.83 -14.34 2.78
C LYS A 27 33.25 -15.65 2.26
N ARG A 28 31.98 -15.87 2.56
CA ARG A 28 31.30 -17.09 2.15
C ARG A 28 31.25 -17.23 0.65
N HIS A 29 31.12 -16.11 -0.05
CA HIS A 29 31.03 -16.10 -1.50
C HIS A 29 32.32 -15.75 -2.21
N ASP A 30 33.36 -15.47 -1.43
CA ASP A 30 34.66 -15.03 -1.96
C ASP A 30 34.35 -13.87 -2.90
N ALA A 31 33.55 -12.93 -2.44
CA ALA A 31 33.16 -11.81 -3.29
C ALA A 31 33.81 -10.48 -2.95
N LYS A 32 33.78 -9.58 -3.93
CA LYS A 32 34.31 -8.25 -3.74
C LYS A 32 33.29 -7.58 -2.80
N LEU A 33 33.75 -6.59 -2.05
CA LEU A 33 32.87 -5.84 -1.14
C LEU A 33 33.17 -4.37 -1.34
N SER A 34 32.14 -3.60 -1.68
CA SER A 34 32.25 -2.16 -1.89
C SER A 34 31.32 -1.49 -0.88
N ILE A 35 31.56 -0.20 -0.63
CA ILE A 35 30.79 0.58 0.34
C ILE A 35 30.33 1.89 -0.25
N ILE A 36 29.12 2.29 0.08
CA ILE A 36 28.61 3.54 -0.44
C ILE A 36 27.82 4.27 0.60
N HIS A 37 27.89 5.60 0.56
CA HIS A 37 27.07 6.41 1.47
C HIS A 37 26.24 7.33 0.58
N VAL A 38 24.93 7.32 0.80
CA VAL A 38 24.05 8.18 0.04
C VAL A 38 23.53 9.29 0.94
N ASP A 39 23.78 10.53 0.56
CA ASP A 39 23.28 11.69 1.30
C ASP A 39 21.87 11.87 0.75
N VAL A 40 20.89 11.49 1.55
CA VAL A 40 19.50 11.58 1.12
C VAL A 40 19.07 13.02 0.80
N ASN A 41 18.76 13.27 -0.46
CA ASN A 41 18.33 14.59 -0.90
C ASN A 41 17.32 14.47 -2.04
N PHE A 42 16.80 15.62 -2.49
CA PHE A 42 15.84 15.65 -3.58
C PHE A 42 16.46 15.04 -4.85
N SER A 43 15.68 14.24 -5.55
CA SER A 43 16.12 13.58 -6.77
C SER A 43 16.60 14.54 -7.85
N ASP A 44 15.94 15.69 -7.95
CA ASP A 44 16.29 16.69 -8.95
C ASP A 44 17.67 17.32 -8.76
N LEU A 45 18.27 17.14 -7.59
CA LEU A 45 19.58 17.71 -7.33
C LEU A 45 20.73 16.67 -7.36
N TYR A 46 20.50 15.52 -8.01
CA TYR A 46 21.52 14.48 -8.11
C TYR A 46 22.47 14.78 -9.27
N THR A 47 23.77 14.84 -8.97
CA THR A 47 24.77 15.14 -9.99
C THR A 47 25.70 13.97 -10.38
N GLY A 48 25.42 12.77 -9.88
CA GLY A 48 26.27 11.63 -10.22
C GLY A 48 27.03 11.05 -9.04
N LEU A 49 27.69 9.92 -9.25
CA LEU A 49 28.45 9.28 -8.17
C LEU A 49 29.82 9.85 -7.99
N ILE A 50 30.32 9.77 -6.76
CA ILE A 50 31.66 10.26 -6.45
C ILE A 50 32.48 9.06 -6.03
N ASP A 51 33.63 8.89 -6.69
CA ASP A 51 34.55 7.82 -6.37
C ASP A 51 35.43 8.42 -5.27
N VAL A 52 35.14 8.06 -4.03
CA VAL A 52 35.87 8.61 -2.89
C VAL A 52 37.31 8.11 -2.82
N ASN A 53 37.55 6.96 -3.43
CA ASN A 53 38.89 6.41 -3.45
C ASN A 53 39.74 7.33 -4.33
N MET A 54 39.21 7.66 -5.50
CA MET A 54 39.89 8.54 -6.44
C MET A 54 40.07 9.92 -5.80
N SER A 55 39.02 10.45 -5.19
CA SER A 55 39.11 11.75 -4.53
C SER A 55 40.28 11.74 -3.56
N SER A 56 40.32 10.73 -2.71
CA SER A 56 41.39 10.60 -1.74
C SER A 56 42.76 10.76 -2.40
N MET A 57 42.98 9.97 -3.45
CA MET A 57 44.23 9.96 -4.18
C MET A 57 44.61 11.31 -4.82
N GLN A 58 43.62 12.17 -5.04
CA GLN A 58 43.86 13.47 -5.65
C GLN A 58 43.65 14.62 -4.66
N ASP A 59 43.54 14.28 -3.38
CA ASP A 59 43.35 15.25 -2.32
C ASP A 59 42.12 16.14 -2.54
N ARG A 60 41.03 15.51 -2.99
CA ARG A 60 39.81 16.25 -3.25
C ARG A 60 38.79 16.07 -2.13
N ILE A 61 39.11 15.25 -1.14
CA ILE A 61 38.19 15.03 -0.04
C ILE A 61 37.88 16.37 0.63
N SER A 62 36.60 16.76 0.60
CA SER A 62 36.20 18.03 1.17
C SER A 62 35.14 17.98 2.26
N THR A 63 34.36 16.89 2.31
CA THR A 63 33.31 16.79 3.30
C THR A 63 33.68 15.80 4.40
N GLU A 64 33.14 16.02 5.60
CA GLU A 64 33.41 15.12 6.72
C GLU A 64 32.73 13.80 6.40
N THR A 65 31.67 13.90 5.62
CA THR A 65 30.90 12.73 5.23
C THR A 65 31.77 11.79 4.40
N GLN A 66 32.48 12.34 3.41
CA GLN A 66 33.34 11.54 2.58
C GLN A 66 34.51 11.00 3.40
N LYS A 67 35.05 11.85 4.27
CA LYS A 67 36.17 11.43 5.09
C LYS A 67 35.74 10.26 5.98
N ALA A 68 34.54 10.35 6.54
CA ALA A 68 34.01 9.31 7.42
C ALA A 68 33.85 8.00 6.63
N LEU A 69 33.41 8.11 5.39
CA LEU A 69 33.28 6.91 4.55
C LEU A 69 34.65 6.26 4.37
N LEU A 70 35.68 7.06 4.08
CA LEU A 70 37.03 6.51 3.92
C LEU A 70 37.54 5.89 5.22
N ASP A 71 37.31 6.60 6.32
CA ASP A 71 37.75 6.12 7.64
C ASP A 71 37.10 4.78 7.98
N LEU A 72 35.80 4.71 7.75
CA LEU A 72 35.05 3.50 8.00
C LEU A 72 35.54 2.35 7.12
N ALA A 73 35.71 2.59 5.82
CA ALA A 73 36.20 1.54 4.93
C ALA A 73 37.56 1.02 5.37
N GLU A 74 38.44 1.92 5.77
CA GLU A 74 39.76 1.52 6.21
C GLU A 74 39.71 0.59 7.42
N SER A 75 38.72 0.78 8.29
CA SER A 75 38.59 -0.03 9.50
C SER A 75 38.09 -1.45 9.25
N VAL A 76 37.46 -1.66 8.10
CA VAL A 76 36.90 -2.97 7.78
C VAL A 76 37.98 -4.05 7.59
N ASP A 77 37.76 -5.22 8.20
CA ASP A 77 38.72 -6.32 8.10
C ASP A 77 38.46 -7.12 6.87
N TYR A 78 38.52 -6.44 5.73
CA TYR A 78 38.28 -7.09 4.46
C TYR A 78 38.74 -6.07 3.42
N PRO A 79 39.26 -6.54 2.28
CA PRO A 79 39.68 -5.57 1.28
C PRO A 79 38.44 -4.93 0.64
N ILE A 80 38.39 -3.60 0.63
CA ILE A 80 37.24 -2.93 0.04
C ILE A 80 37.52 -2.53 -1.40
N SER A 81 36.60 -2.82 -2.30
CA SER A 81 36.82 -2.46 -3.68
C SER A 81 36.43 -1.01 -3.92
N GLU A 82 35.17 -0.71 -4.16
CA GLU A 82 34.82 0.70 -4.36
C GLU A 82 34.39 1.38 -3.07
N LYS A 83 34.59 2.70 -3.02
CA LYS A 83 34.20 3.55 -1.88
C LYS A 83 33.49 4.70 -2.62
N LEU A 84 32.17 4.69 -2.54
CA LEU A 84 31.36 5.66 -3.27
C LEU A 84 30.47 6.54 -2.43
N SER A 85 30.16 7.71 -2.98
CA SER A 85 29.32 8.69 -2.34
C SER A 85 28.38 9.31 -3.37
N GLY A 86 27.15 9.63 -2.96
CA GLY A 86 26.20 10.25 -3.87
C GLY A 86 25.15 10.99 -3.08
N SER A 87 24.56 12.01 -3.68
CA SER A 87 23.54 12.78 -2.98
C SER A 87 22.29 12.84 -3.84
N GLY A 88 21.19 12.30 -3.31
CA GLY A 88 19.95 12.30 -4.06
C GLY A 88 19.00 11.25 -3.53
N ASP A 89 18.16 10.72 -4.42
CA ASP A 89 17.21 9.70 -4.02
C ASP A 89 17.94 8.37 -3.76
N LEU A 90 17.61 7.74 -2.64
CA LEU A 90 18.25 6.48 -2.27
C LEU A 90 18.28 5.44 -3.41
N GLY A 91 17.11 5.07 -3.92
CA GLY A 91 17.07 4.10 -5.00
C GLY A 91 17.80 4.62 -6.24
N GLN A 92 17.66 5.91 -6.49
CA GLN A 92 18.31 6.53 -7.64
C GLN A 92 19.83 6.35 -7.55
N VAL A 93 20.40 6.77 -6.43
CA VAL A 93 21.84 6.69 -6.26
C VAL A 93 22.36 5.26 -6.20
N LEU A 94 21.67 4.39 -5.46
CA LEU A 94 22.12 2.99 -5.34
C LEU A 94 22.01 2.25 -6.68
N SER A 95 20.94 2.51 -7.41
CA SER A 95 20.73 1.86 -8.70
C SER A 95 21.87 2.15 -9.66
N ASP A 96 22.30 3.41 -9.65
CA ASP A 96 23.39 3.90 -10.49
C ASP A 96 24.68 3.15 -10.14
N ALA A 97 25.01 3.08 -8.86
CA ALA A 97 26.23 2.38 -8.44
C ALA A 97 26.20 0.91 -8.81
N ILE A 98 25.07 0.27 -8.55
CA ILE A 98 24.89 -1.14 -8.83
C ILE A 98 25.14 -1.42 -10.32
N GLU A 99 24.61 -0.55 -11.15
CA GLU A 99 24.74 -0.70 -12.60
C GLU A 99 26.16 -0.45 -13.09
N GLN A 100 26.78 0.63 -12.61
CA GLN A 100 28.14 0.98 -12.99
C GLN A 100 29.19 -0.05 -12.55
N TYR A 101 29.02 -0.62 -11.35
CA TYR A 101 30.03 -1.56 -10.85
C TYR A 101 29.69 -3.04 -10.83
N ASP A 102 28.65 -3.43 -11.56
CA ASP A 102 28.29 -4.84 -11.66
C ASP A 102 28.07 -5.54 -10.31
N VAL A 103 27.29 -4.89 -9.45
CA VAL A 103 26.99 -5.42 -8.12
C VAL A 103 25.85 -6.42 -8.22
N ASP A 104 25.95 -7.53 -7.48
CA ASP A 104 24.87 -8.52 -7.49
C ASP A 104 24.19 -8.73 -6.12
N LEU A 105 24.68 -8.06 -5.08
CA LEU A 105 23.99 -8.11 -3.77
C LEU A 105 24.07 -6.72 -3.15
N LEU A 106 22.92 -6.16 -2.80
CA LEU A 106 22.88 -4.86 -2.14
C LEU A 106 22.52 -5.12 -0.66
N VAL A 107 23.29 -4.56 0.27
CA VAL A 107 22.98 -4.71 1.72
C VAL A 107 22.69 -3.32 2.27
N THR A 108 21.54 -3.18 2.92
CA THR A 108 21.15 -1.90 3.50
C THR A 108 20.72 -2.18 4.93
N GLY A 109 20.72 -1.13 5.75
CA GLY A 109 20.33 -1.32 7.14
C GLY A 109 19.25 -0.33 7.56
N HIS A 110 18.58 -0.64 8.67
CA HIS A 110 17.56 0.27 9.17
C HIS A 110 17.62 0.19 10.68
N HIS A 111 17.03 1.16 11.34
CA HIS A 111 17.06 1.16 12.80
C HIS A 111 15.76 0.71 13.46
N GLN A 112 15.16 -0.33 12.88
CA GLN A 112 13.91 -0.90 13.39
C GLN A 112 12.81 0.16 13.51
N ASP A 113 12.58 0.88 12.42
CA ASP A 113 11.55 1.91 12.41
C ASP A 113 10.20 1.21 12.19
N PHE A 114 9.15 2.01 12.29
CA PHE A 114 7.79 1.55 12.09
C PHE A 114 7.70 0.69 10.81
N TRP A 115 7.07 -0.46 10.95
CA TRP A 115 6.94 -1.42 9.84
C TRP A 115 6.65 -0.81 8.45
N SER A 116 5.55 -0.07 8.33
CA SER A 116 5.17 0.50 7.05
C SER A 116 6.13 1.53 6.47
N LYS A 117 6.81 2.27 7.35
CA LYS A 117 7.80 3.25 6.90
C LYS A 117 8.96 2.46 6.26
N LEU A 118 9.41 1.41 6.95
CA LEU A 118 10.50 0.57 6.46
C LEU A 118 10.13 -0.07 5.13
N MET A 119 8.96 -0.71 5.08
CA MET A 119 8.57 -1.36 3.83
C MET A 119 8.41 -0.37 2.67
N SER A 120 7.92 0.84 2.95
CA SER A 120 7.78 1.84 1.88
C SER A 120 9.18 2.23 1.33
N SER A 121 10.13 2.50 2.22
CA SER A 121 11.50 2.86 1.77
C SER A 121 12.13 1.70 1.00
N THR A 122 11.93 0.48 1.51
CA THR A 122 12.47 -0.72 0.86
C THR A 122 11.91 -0.88 -0.54
N ARG A 123 10.60 -0.72 -0.70
CA ARG A 123 10.01 -0.88 -2.02
C ARG A 123 10.55 0.14 -3.00
N GLN A 124 10.76 1.36 -2.51
CA GLN A 124 11.27 2.43 -3.36
C GLN A 124 12.61 2.04 -3.97
N VAL A 125 13.48 1.43 -3.16
CA VAL A 125 14.78 0.99 -3.65
C VAL A 125 14.60 -0.23 -4.56
N MET A 126 13.81 -1.18 -4.08
CA MET A 126 13.52 -2.41 -4.82
C MET A 126 13.07 -2.13 -6.26
N ASN A 127 12.19 -1.14 -6.45
CA ASN A 127 11.69 -0.87 -7.81
C ASN A 127 12.69 -0.21 -8.76
N THR A 128 13.87 0.11 -8.25
CA THR A 128 14.90 0.74 -9.07
C THR A 128 15.99 -0.25 -9.40
N ILE A 129 15.96 -1.44 -8.79
CA ILE A 129 17.01 -2.44 -9.03
C ILE A 129 16.55 -3.78 -9.56
N LYS A 130 17.50 -4.60 -10.00
CA LYS A 130 17.21 -5.91 -10.54
C LYS A 130 18.03 -6.98 -9.86
N ILE A 131 18.54 -6.67 -8.66
CA ILE A 131 19.35 -7.65 -7.94
C ILE A 131 18.82 -7.90 -6.53
N ASP A 132 19.37 -8.91 -5.89
CA ASP A 132 19.01 -9.30 -4.53
C ASP A 132 19.34 -8.15 -3.57
N MET A 133 18.49 -7.95 -2.57
CA MET A 133 18.73 -6.90 -1.61
C MET A 133 18.44 -7.45 -0.20
N LEU A 134 19.43 -7.38 0.69
CA LEU A 134 19.28 -7.83 2.07
C LEU A 134 19.12 -6.58 2.93
N VAL A 135 18.01 -6.54 3.69
CA VAL A 135 17.66 -5.42 4.53
C VAL A 135 17.91 -5.88 5.95
N VAL A 136 18.80 -5.17 6.62
CA VAL A 136 19.30 -5.61 7.92
C VAL A 136 18.95 -4.70 9.08
N PRO A 137 18.44 -5.27 10.19
CA PRO A 137 18.09 -4.46 11.35
C PRO A 137 19.33 -4.13 12.16
N LEU A 138 19.40 -2.91 12.65
CA LEU A 138 20.52 -2.45 13.45
C LEU A 138 19.94 -2.00 14.80
N ARG A 139 20.43 -2.54 15.90
CA ARG A 139 19.87 -2.14 17.20
C ARG A 139 20.87 -1.49 18.15
N ASP A 140 20.34 -0.83 19.18
CA ASP A 140 21.13 -0.18 20.23
C ASP A 140 22.33 0.64 19.72
N MET B 1 24.91 -18.47 11.32
CA MET B 1 24.13 -18.91 10.12
C MET B 1 22.65 -18.88 10.46
N TYR B 2 21.81 -18.83 9.43
CA TYR B 2 20.37 -18.82 9.67
C TYR B 2 19.89 -20.19 10.17
N LYS B 3 18.91 -20.17 11.06
CA LYS B 3 18.35 -21.40 11.62
C LYS B 3 16.97 -21.70 11.10
N HIS B 4 16.25 -20.66 10.66
CA HIS B 4 14.89 -20.85 10.16
C HIS B 4 14.48 -19.73 9.20
N ILE B 5 14.34 -20.11 7.94
CA ILE B 5 13.95 -19.18 6.87
C ILE B 5 12.45 -19.30 6.56
N LEU B 6 11.79 -18.16 6.40
CA LEU B 6 10.36 -18.08 6.08
C LEU B 6 10.23 -17.34 4.77
N VAL B 7 9.58 -17.99 3.78
CA VAL B 7 9.39 -17.40 2.45
C VAL B 7 7.94 -16.97 2.35
N ALA B 8 7.72 -15.70 2.01
CA ALA B 8 6.38 -15.16 1.87
C ALA B 8 6.06 -15.24 0.39
N VAL B 9 4.94 -15.87 0.08
CA VAL B 9 4.52 -16.07 -1.30
C VAL B 9 3.06 -15.67 -1.54
N ASP B 10 2.73 -15.38 -2.78
CA ASP B 10 1.35 -15.03 -3.11
C ASP B 10 0.76 -16.12 -4.00
N LEU B 11 1.50 -17.22 -4.13
CA LEU B 11 1.06 -18.37 -4.92
C LEU B 11 0.82 -18.01 -6.37
N SER B 12 1.81 -17.39 -6.98
CA SER B 12 1.75 -17.03 -8.40
C SER B 12 2.90 -17.77 -9.04
N GLU B 13 3.18 -17.49 -10.31
CA GLU B 13 4.28 -18.15 -10.99
C GLU B 13 5.61 -17.80 -10.33
N GLU B 14 5.64 -16.64 -9.68
CA GLU B 14 6.85 -16.17 -9.00
C GLU B 14 7.24 -17.08 -7.84
N SER B 15 6.23 -17.62 -7.16
CA SER B 15 6.46 -18.40 -5.95
C SER B 15 7.37 -19.60 -5.99
N PRO B 16 7.23 -20.46 -7.01
CA PRO B 16 8.08 -21.64 -7.13
C PRO B 16 9.56 -21.28 -7.26
N ILE B 17 9.79 -20.20 -7.98
CA ILE B 17 11.14 -19.72 -8.23
C ILE B 17 11.71 -19.16 -6.93
N LEU B 18 10.88 -18.39 -6.23
CA LEU B 18 11.29 -17.83 -4.97
C LEU B 18 11.61 -18.96 -3.97
N LEU B 19 10.78 -20.01 -3.97
CA LEU B 19 11.00 -21.11 -3.04
C LEU B 19 12.28 -21.88 -3.37
N LYS B 20 12.56 -22.08 -4.66
CA LYS B 20 13.78 -22.78 -5.07
C LYS B 20 15.00 -22.00 -4.60
N LYS B 21 14.92 -20.68 -4.71
CA LYS B 21 16.02 -19.84 -4.27
C LYS B 21 16.23 -19.95 -2.76
N ALA B 22 15.15 -19.97 -1.98
CA ALA B 22 15.25 -20.07 -0.52
C ALA B 22 15.81 -21.43 -0.07
N VAL B 23 15.45 -22.47 -0.81
CA VAL B 23 15.95 -23.83 -0.52
C VAL B 23 17.48 -23.77 -0.66
N GLY B 24 17.96 -23.06 -1.68
CA GLY B 24 19.41 -22.96 -1.86
C GLY B 24 20.07 -22.34 -0.63
N ILE B 25 19.46 -21.29 -0.12
CA ILE B 25 19.99 -20.62 1.07
C ILE B 25 19.87 -21.56 2.29
N ALA B 26 18.74 -22.25 2.41
CA ALA B 26 18.52 -23.16 3.54
C ALA B 26 19.57 -24.28 3.56
N LYS B 27 19.89 -24.80 2.38
CA LYS B 27 20.88 -25.87 2.29
C LYS B 27 22.27 -25.43 2.72
N ARG B 28 22.62 -24.18 2.44
CA ARG B 28 23.93 -23.68 2.82
C ARG B 28 24.00 -23.38 4.31
N HIS B 29 22.88 -22.97 4.87
CA HIS B 29 22.81 -22.64 6.30
C HIS B 29 22.31 -23.81 7.14
N ASP B 30 21.92 -24.91 6.49
CA ASP B 30 21.35 -26.05 7.20
C ASP B 30 20.22 -25.52 8.07
N ALA B 31 19.37 -24.71 7.45
CA ALA B 31 18.25 -24.10 8.16
C ALA B 31 16.90 -24.76 7.88
N LYS B 32 15.97 -24.54 8.78
CA LYS B 32 14.59 -25.00 8.61
C LYS B 32 14.04 -24.02 7.57
N LEU B 33 13.04 -24.46 6.82
CA LEU B 33 12.41 -23.64 5.79
C LEU B 33 10.90 -23.74 5.90
N SER B 34 10.23 -22.59 5.96
CA SER B 34 8.78 -22.52 6.06
C SER B 34 8.23 -21.57 4.99
N ILE B 35 6.93 -21.66 4.75
CA ILE B 35 6.28 -20.85 3.73
C ILE B 35 5.04 -20.19 4.29
N ILE B 36 4.81 -18.94 3.92
CA ILE B 36 3.59 -18.31 4.37
C ILE B 36 2.91 -17.66 3.17
N HIS B 37 1.70 -18.12 2.87
CA HIS B 37 0.89 -17.54 1.78
C HIS B 37 0.31 -16.25 2.37
N VAL B 38 0.42 -15.17 1.62
CA VAL B 38 -0.08 -13.88 2.05
C VAL B 38 -1.26 -13.47 1.20
N ASP B 39 -2.38 -13.23 1.87
CA ASP B 39 -3.63 -12.81 1.26
C ASP B 39 -3.53 -11.28 1.18
N VAL B 40 -3.62 -10.73 -0.03
CA VAL B 40 -3.54 -9.28 -0.15
C VAL B 40 -4.89 -8.53 -0.29
N ASN B 41 -5.99 -9.23 -0.03
CA ASN B 41 -7.36 -8.66 -0.10
C ASN B 41 -7.57 -7.75 1.11
N PHE B 42 -8.22 -6.61 0.93
CA PHE B 42 -8.45 -5.71 2.04
C PHE B 42 -9.69 -6.02 2.89
N SER B 43 -10.33 -7.15 2.62
CA SER B 43 -11.47 -7.56 3.43
C SER B 43 -10.93 -7.86 4.83
N ASP B 44 -11.70 -7.51 5.86
CA ASP B 44 -11.27 -7.74 7.23
C ASP B 44 -12.05 -8.86 7.89
N LEU B 45 -12.68 -9.71 7.08
CA LEU B 45 -13.45 -10.84 7.59
C LEU B 45 -12.54 -12.02 7.94
N TYR B 46 -12.61 -12.46 9.19
CA TYR B 46 -11.82 -13.61 9.63
C TYR B 46 -10.33 -13.51 9.25
N THR B 47 -9.70 -12.41 9.62
CA THR B 47 -8.28 -12.20 9.31
C THR B 47 -7.39 -12.81 10.39
N GLY B 48 -6.09 -12.88 10.09
CA GLY B 48 -5.15 -13.42 11.06
C GLY B 48 -4.13 -14.39 10.50
N LEU B 49 -3.36 -15.01 11.39
CA LEU B 49 -2.34 -15.98 11.03
C LEU B 49 -2.83 -17.42 11.25
N ILE B 50 -2.71 -18.23 10.20
CA ILE B 50 -3.16 -19.62 10.26
C ILE B 50 -2.09 -20.66 9.91
N ASP B 51 -2.07 -21.78 10.63
CA ASP B 51 -1.17 -22.87 10.30
C ASP B 51 -2.08 -23.83 9.57
N VAL B 52 -1.86 -23.94 8.26
CA VAL B 52 -2.68 -24.76 7.38
C VAL B 52 -2.73 -26.27 7.65
N ASN B 53 -1.75 -26.81 8.36
CA ASN B 53 -1.76 -28.24 8.67
C ASN B 53 -2.44 -28.44 10.02
N MET B 54 -2.75 -27.34 10.69
CA MET B 54 -3.39 -27.39 12.01
C MET B 54 -4.54 -26.38 12.10
N SER B 55 -5.46 -26.44 11.15
CA SER B 55 -6.60 -25.52 11.12
C SER B 55 -7.63 -25.87 12.18
N GLN B 58 -9.41 -21.22 8.12
CA GLN B 58 -10.77 -21.45 7.82
C GLN B 58 -11.04 -21.38 6.38
N ASP B 59 -12.26 -21.01 6.22
CA ASP B 59 -12.74 -20.71 4.98
C ASP B 59 -12.01 -19.43 4.61
N ARG B 60 -11.37 -18.76 5.52
CA ARG B 60 -10.72 -17.57 4.98
C ARG B 60 -9.71 -18.08 3.97
N ILE B 61 -9.22 -19.25 4.31
CA ILE B 61 -8.33 -19.95 3.40
C ILE B 61 -9.25 -20.85 2.64
N SER B 62 -9.09 -20.91 1.36
CA SER B 62 -9.95 -21.71 0.55
C SER B 62 -9.36 -23.00 0.10
N THR B 63 -10.26 -23.82 -0.35
CA THR B 63 -9.74 -25.09 -0.83
C THR B 63 -8.78 -24.82 -1.95
N GLU B 64 -9.05 -23.84 -2.80
CA GLU B 64 -8.18 -23.53 -3.93
C GLU B 64 -6.79 -23.07 -3.46
N THR B 65 -6.75 -22.10 -2.56
CA THR B 65 -5.47 -21.63 -2.10
C THR B 65 -4.81 -22.73 -1.26
N GLN B 66 -5.60 -23.47 -0.49
CA GLN B 66 -5.06 -24.55 0.34
C GLN B 66 -4.26 -25.56 -0.48
N LYS B 67 -4.86 -26.01 -1.58
CA LYS B 67 -4.20 -26.96 -2.46
C LYS B 67 -2.95 -26.34 -3.05
N ALA B 68 -3.07 -25.10 -3.54
CA ALA B 68 -1.94 -24.43 -4.17
C ALA B 68 -0.74 -24.29 -3.23
N LEU B 69 -1.01 -24.02 -1.96
CA LEU B 69 0.08 -23.89 -0.99
C LEU B 69 0.68 -25.25 -0.71
N LEU B 70 -0.17 -26.28 -0.57
CA LEU B 70 0.37 -27.60 -0.30
C LEU B 70 1.15 -28.11 -1.51
N ASP B 71 0.68 -27.75 -2.71
CA ASP B 71 1.34 -28.13 -3.95
C ASP B 71 2.72 -27.44 -4.05
N LEU B 72 2.78 -26.18 -3.65
CA LEU B 72 4.04 -25.44 -3.72
C LEU B 72 5.07 -26.08 -2.78
N ALA B 73 4.63 -26.42 -1.57
CA ALA B 73 5.55 -27.04 -0.61
C ALA B 73 6.08 -28.38 -1.14
N GLU B 74 5.25 -29.12 -1.88
CA GLU B 74 5.70 -30.42 -2.38
C GLU B 74 6.56 -30.26 -3.63
N SER B 75 6.70 -29.04 -4.13
CA SER B 75 7.47 -28.78 -5.36
C SER B 75 8.99 -28.85 -5.20
N VAL B 76 9.46 -28.98 -3.96
CA VAL B 76 10.89 -29.10 -3.67
C VAL B 76 11.01 -30.29 -2.75
N ASP B 77 12.18 -30.92 -2.71
CA ASP B 77 12.34 -32.06 -1.80
C ASP B 77 12.68 -31.59 -0.39
N TYR B 78 13.33 -30.44 -0.30
CA TYR B 78 13.71 -29.90 1.01
C TYR B 78 12.50 -29.90 1.91
N PRO B 79 12.68 -30.28 3.17
CA PRO B 79 11.55 -30.31 4.10
C PRO B 79 11.01 -28.91 4.40
N ILE B 80 9.69 -28.78 4.39
CA ILE B 80 9.04 -27.50 4.72
C ILE B 80 8.46 -27.69 6.12
N SER B 81 8.93 -26.90 7.07
CA SER B 81 8.48 -27.00 8.47
C SER B 81 7.06 -26.51 8.75
N GLU B 82 6.77 -25.27 8.42
CA GLU B 82 5.43 -24.74 8.63
C GLU B 82 4.90 -24.25 7.30
N LYS B 83 3.58 -24.39 7.13
CA LYS B 83 2.88 -23.93 5.93
C LYS B 83 1.80 -23.03 6.54
N LEU B 84 2.01 -21.73 6.43
CA LEU B 84 1.10 -20.75 7.03
C LEU B 84 0.35 -19.92 6.01
N SER B 85 -0.67 -19.21 6.50
CA SER B 85 -1.43 -18.31 5.65
C SER B 85 -1.76 -17.11 6.51
N GLY B 86 -1.60 -15.92 5.97
CA GLY B 86 -1.90 -14.74 6.76
C GLY B 86 -2.77 -13.76 6.00
N SER B 87 -3.64 -13.08 6.72
CA SER B 87 -4.53 -12.08 6.12
C SER B 87 -4.76 -10.98 7.14
N GLY B 88 -5.19 -9.82 6.66
CA GLY B 88 -5.44 -8.70 7.56
C GLY B 88 -4.25 -7.74 7.58
N ASP B 89 -3.81 -7.38 8.78
CA ASP B 89 -2.66 -6.48 8.90
C ASP B 89 -1.42 -7.36 8.74
N LEU B 90 -0.76 -7.27 7.59
CA LEU B 90 0.42 -8.10 7.35
C LEU B 90 1.64 -7.80 8.22
N GLY B 91 1.73 -6.57 8.70
CA GLY B 91 2.84 -6.24 9.57
C GLY B 91 2.66 -7.05 10.85
N GLN B 92 1.43 -7.07 11.33
CA GLN B 92 1.14 -7.80 12.56
C GLN B 92 1.28 -9.32 12.34
N VAL B 93 0.75 -9.80 11.22
CA VAL B 93 0.80 -11.23 10.90
C VAL B 93 2.23 -11.74 10.72
N LEU B 94 3.05 -11.01 9.96
CA LEU B 94 4.43 -11.45 9.78
C LEU B 94 5.22 -11.36 11.08
N SER B 95 5.02 -10.28 11.84
CA SER B 95 5.72 -10.13 13.11
C SER B 95 5.38 -11.33 14.00
N ASP B 96 4.10 -11.69 14.03
CA ASP B 96 3.67 -12.83 14.84
C ASP B 96 4.29 -14.17 14.36
N ALA B 97 4.32 -14.40 13.05
CA ALA B 97 4.88 -15.64 12.55
C ALA B 97 6.37 -15.72 12.86
N ILE B 98 7.09 -14.62 12.67
CA ILE B 98 8.51 -14.57 12.96
C ILE B 98 8.78 -14.89 14.43
N GLU B 99 8.01 -14.29 15.32
CA GLU B 99 8.17 -14.51 16.75
C GLU B 99 7.78 -15.93 17.16
N GLN B 100 6.56 -16.31 16.82
CA GLN B 100 6.06 -17.64 17.17
C GLN B 100 6.92 -18.78 16.68
N TYR B 101 7.45 -18.68 15.47
CA TYR B 101 8.24 -19.78 14.93
C TYR B 101 9.77 -19.60 14.90
N ASP B 102 10.25 -18.58 15.60
CA ASP B 102 11.69 -18.29 15.69
C ASP B 102 12.38 -18.23 14.33
N VAL B 103 11.82 -17.40 13.46
CA VAL B 103 12.34 -17.18 12.12
C VAL B 103 13.48 -16.18 12.16
N ASP B 104 14.56 -16.41 11.43
CA ASP B 104 15.62 -15.40 11.40
C ASP B 104 15.95 -14.83 10.02
N LEU B 105 15.22 -15.29 8.98
CA LEU B 105 15.36 -14.71 7.64
C LEU B 105 14.00 -14.73 6.95
N LEU B 106 13.53 -13.55 6.53
CA LEU B 106 12.26 -13.45 5.83
C LEU B 106 12.65 -13.21 4.37
N VAL B 107 12.10 -14.03 3.48
CA VAL B 107 12.40 -13.91 2.06
C VAL B 107 11.11 -13.51 1.35
N THR B 108 11.17 -12.47 0.50
CA THR B 108 9.99 -12.05 -0.22
C THR B 108 10.30 -11.82 -1.68
N GLY B 109 9.21 -11.73 -2.44
CA GLY B 109 9.30 -11.44 -3.85
C GLY B 109 9.15 -9.95 -4.09
N HIS B 110 8.78 -9.64 -5.31
CA HIS B 110 8.71 -8.29 -5.83
C HIS B 110 7.30 -7.74 -6.13
N HIS B 111 6.28 -8.57 -6.03
CA HIS B 111 4.93 -8.15 -6.44
C HIS B 111 4.35 -6.90 -5.78
N GLN B 112 3.81 -6.03 -6.63
CA GLN B 112 3.32 -4.75 -6.13
C GLN B 112 2.17 -4.80 -5.15
N ASP B 113 1.20 -5.68 -5.35
CA ASP B 113 0.06 -5.73 -4.41
C ASP B 113 0.53 -6.21 -3.05
N PHE B 114 1.50 -7.12 -3.06
CA PHE B 114 2.07 -7.64 -1.82
C PHE B 114 2.74 -6.47 -1.08
N TRP B 115 3.54 -5.70 -1.82
CA TRP B 115 4.22 -4.59 -1.17
C TRP B 115 3.27 -3.50 -0.70
N SER B 116 2.19 -3.29 -1.44
CA SER B 116 1.19 -2.30 -1.01
C SER B 116 0.54 -2.73 0.30
N LYS B 117 0.30 -4.03 0.44
CA LYS B 117 -0.31 -4.56 1.65
C LYS B 117 0.69 -4.37 2.81
N LEU B 118 1.96 -4.70 2.58
CA LEU B 118 2.96 -4.52 3.64
C LEU B 118 3.07 -3.06 4.07
N MET B 119 2.86 -2.14 3.12
CA MET B 119 2.94 -0.71 3.42
C MET B 119 1.67 -0.17 4.09
N SER B 120 0.67 -1.02 4.25
CA SER B 120 -0.57 -0.56 4.84
C SER B 120 -0.73 -0.96 6.29
N SER B 121 0.30 -1.57 6.88
CA SER B 121 0.22 -2.01 8.26
C SER B 121 -0.01 -0.76 9.10
N THR B 122 -0.91 -0.88 10.07
CA THR B 122 -1.30 0.27 10.89
C THR B 122 -0.46 0.53 12.14
N ARG B 123 -0.76 1.67 12.77
CA ARG B 123 -0.10 2.09 14.00
C ARG B 123 -0.72 1.46 15.26
N GLN B 124 -1.80 0.69 15.12
CA GLN B 124 -2.47 0.05 16.26
C GLN B 124 -1.44 -0.59 17.17
N VAL B 125 -0.44 -1.21 16.54
CA VAL B 125 0.69 -1.79 17.24
C VAL B 125 1.86 -1.32 16.38
N MET B 126 2.83 -0.67 17.01
CA MET B 126 4.00 -0.14 16.32
C MET B 126 4.99 -1.24 16.00
N ASN B 127 4.61 -2.12 15.07
CA ASN B 127 5.46 -3.24 14.69
C ASN B 127 6.70 -2.79 13.95
N THR B 128 7.67 -3.69 13.88
CA THR B 128 8.93 -3.46 13.17
C THR B 128 9.41 -4.85 12.80
N ILE B 129 10.55 -4.93 12.12
CA ILE B 129 11.09 -6.23 11.79
C ILE B 129 12.45 -6.23 12.43
N LYS B 130 12.71 -7.28 13.20
CA LYS B 130 13.95 -7.39 13.95
C LYS B 130 14.87 -8.47 13.41
N ILE B 131 14.59 -8.95 12.20
CA ILE B 131 15.43 -9.97 11.60
C ILE B 131 15.75 -9.54 10.17
N ASP B 132 16.72 -10.22 9.56
CA ASP B 132 17.11 -9.91 8.17
C ASP B 132 15.98 -10.21 7.20
N MET B 133 15.92 -9.46 6.10
CA MET B 133 14.90 -9.70 5.10
C MET B 133 15.58 -9.65 3.74
N LEU B 134 15.35 -10.67 2.90
CA LEU B 134 15.96 -10.70 1.54
C LEU B 134 14.82 -10.50 0.55
N VAL B 135 14.93 -9.44 -0.24
CA VAL B 135 13.91 -9.05 -1.21
C VAL B 135 14.50 -9.50 -2.54
N VAL B 136 13.78 -10.38 -3.19
CA VAL B 136 14.25 -10.99 -4.43
C VAL B 136 13.64 -10.40 -5.68
N PRO B 137 14.49 -9.99 -6.65
CA PRO B 137 14.09 -9.40 -7.93
C PRO B 137 13.40 -10.38 -8.86
N LEU B 138 12.69 -9.84 -9.85
CA LEU B 138 12.01 -10.67 -10.82
C LEU B 138 13.03 -11.46 -11.66
N ARG B 139 12.77 -12.75 -11.84
CA ARG B 139 13.65 -13.63 -12.64
C ARG B 139 12.79 -14.66 -13.39
N MET C 1 -23.46 12.23 -17.93
CA MET C 1 -24.38 12.01 -16.78
C MET C 1 -24.48 10.54 -16.40
N TYR C 2 -24.76 10.28 -15.13
CA TYR C 2 -24.91 8.91 -14.67
C TYR C 2 -26.22 8.37 -15.23
N LYS C 3 -26.22 7.15 -15.70
CA LYS C 3 -27.42 6.54 -16.24
C LYS C 3 -28.04 5.52 -15.27
N HIS C 4 -27.23 4.97 -14.37
CA HIS C 4 -27.76 3.97 -13.48
C HIS C 4 -26.96 3.95 -12.16
N ILE C 5 -27.61 4.39 -11.10
CA ILE C 5 -26.98 4.47 -9.78
C ILE C 5 -27.36 3.23 -8.95
N LEU C 6 -26.37 2.60 -8.31
CA LEU C 6 -26.65 1.43 -7.48
C LEU C 6 -26.29 1.80 -6.04
N VAL C 7 -27.21 1.58 -5.10
CA VAL C 7 -26.91 1.90 -3.70
C VAL C 7 -26.79 0.61 -2.91
N ALA C 8 -25.63 0.41 -2.29
CA ALA C 8 -25.38 -0.76 -1.48
C ALA C 8 -25.80 -0.31 -0.06
N VAL C 9 -26.81 -0.97 0.49
CA VAL C 9 -27.27 -0.61 1.82
C VAL C 9 -26.84 -1.67 2.81
N ASP C 10 -26.76 -1.29 4.08
CA ASP C 10 -26.36 -2.19 5.14
C ASP C 10 -27.57 -2.58 5.98
N LEU C 11 -28.72 -2.06 5.58
CA LEU C 11 -30.01 -2.30 6.24
C LEU C 11 -30.10 -1.79 7.67
N SER C 12 -29.32 -0.76 7.98
CA SER C 12 -29.36 -0.16 9.30
C SER C 12 -30.49 0.88 9.26
N GLU C 13 -30.74 1.55 10.37
CA GLU C 13 -31.81 2.54 10.44
C GLU C 13 -31.49 3.76 9.57
N GLU C 14 -30.21 3.93 9.24
CA GLU C 14 -29.78 5.05 8.41
C GLU C 14 -29.92 4.77 6.93
N SER C 15 -30.26 3.53 6.58
CA SER C 15 -30.39 3.17 5.18
C SER C 15 -31.34 4.09 4.40
N PRO C 16 -32.49 4.44 4.99
CA PRO C 16 -33.42 5.32 4.26
C PRO C 16 -32.76 6.66 3.87
N ILE C 17 -31.86 7.12 4.73
CA ILE C 17 -31.13 8.36 4.52
C ILE C 17 -30.15 8.28 3.35
N LEU C 18 -29.46 7.15 3.25
CA LEU C 18 -28.51 6.95 2.18
C LEU C 18 -29.33 6.97 0.89
N LEU C 19 -30.50 6.33 0.93
CA LEU C 19 -31.35 6.29 -0.26
C LEU C 19 -31.83 7.66 -0.69
N LYS C 20 -32.21 8.49 0.28
CA LYS C 20 -32.67 9.85 -0.02
C LYS C 20 -31.56 10.61 -0.74
N LYS C 21 -30.33 10.44 -0.27
CA LYS C 21 -29.18 11.10 -0.88
C LYS C 21 -29.05 10.62 -2.32
N ALA C 22 -29.18 9.31 -2.52
CA ALA C 22 -29.04 8.77 -3.87
C ALA C 22 -30.20 9.23 -4.77
N VAL C 23 -31.39 9.36 -4.20
CA VAL C 23 -32.54 9.83 -4.97
C VAL C 23 -32.26 11.23 -5.52
N GLY C 24 -31.65 12.09 -4.70
CA GLY C 24 -31.33 13.43 -5.16
C GLY C 24 -30.40 13.43 -6.36
N ILE C 25 -29.41 12.54 -6.36
CA ILE C 25 -28.48 12.46 -7.46
C ILE C 25 -29.20 11.89 -8.68
N ALA C 26 -30.05 10.89 -8.44
CA ALA C 26 -30.79 10.25 -9.52
C ALA C 26 -31.68 11.25 -10.27
N LYS C 27 -32.35 12.11 -9.52
CA LYS C 27 -33.22 13.14 -10.13
C LYS C 27 -32.40 14.10 -10.98
N ARG C 28 -31.24 14.52 -10.47
CA ARG C 28 -30.37 15.43 -11.20
C ARG C 28 -29.87 14.84 -12.51
N HIS C 29 -29.65 13.54 -12.53
CA HIS C 29 -29.17 12.87 -13.73
C HIS C 29 -30.25 12.15 -14.51
N ASP C 30 -31.48 12.19 -13.98
CA ASP C 30 -32.61 11.45 -14.57
C ASP C 30 -32.12 10.01 -14.77
N ALA C 31 -31.51 9.44 -13.74
CA ALA C 31 -30.96 8.10 -13.85
C ALA C 31 -31.78 7.02 -13.20
N LYS C 32 -31.48 5.78 -13.57
CA LYS C 32 -32.10 4.63 -12.95
C LYS C 32 -31.46 4.51 -11.56
N LEU C 33 -32.22 3.95 -10.62
CA LEU C 33 -31.75 3.76 -9.26
C LEU C 33 -32.04 2.33 -8.84
N SER C 34 -31.00 1.61 -8.42
CA SER C 34 -31.18 0.24 -7.96
C SER C 34 -30.57 0.14 -6.56
N ILE C 35 -30.90 -0.95 -5.86
CA ILE C 35 -30.40 -1.17 -4.51
C ILE C 35 -29.89 -2.59 -4.38
N ILE C 36 -28.94 -2.78 -3.49
CA ILE C 36 -28.39 -4.10 -3.30
C ILE C 36 -27.92 -4.23 -1.87
N HIS C 37 -28.08 -5.43 -1.31
CA HIS C 37 -27.56 -5.74 0.01
C HIS C 37 -26.63 -6.94 -0.15
N VAL C 38 -25.44 -6.86 0.43
CA VAL C 38 -24.49 -7.95 0.34
C VAL C 38 -24.39 -8.66 1.68
N ASP C 39 -24.59 -9.98 1.68
CA ASP C 39 -24.45 -10.76 2.91
C ASP C 39 -22.99 -11.17 2.80
N VAL C 40 -22.13 -10.48 3.55
CA VAL C 40 -20.70 -10.74 3.49
C VAL C 40 -20.32 -12.12 4.00
N ASN C 41 -19.59 -12.85 3.16
CA ASN C 41 -19.18 -14.20 3.47
C ASN C 41 -17.98 -14.58 2.60
N PHE C 42 -17.34 -15.69 2.94
CA PHE C 42 -16.19 -16.17 2.19
C PHE C 42 -16.58 -16.26 0.71
N SER C 43 -15.73 -15.69 -0.15
CA SER C 43 -15.99 -15.68 -1.58
C SER C 43 -16.16 -17.06 -2.18
N TYR C 46 -19.79 -17.89 -2.84
CA TYR C 46 -20.60 -17.02 -3.69
C TYR C 46 -21.14 -17.79 -4.89
N THR C 47 -22.47 -17.85 -5.00
CA THR C 47 -23.12 -18.57 -6.10
C THR C 47 -23.80 -17.67 -7.15
N GLY C 48 -23.75 -16.35 -6.96
CA GLY C 48 -24.36 -15.44 -7.91
C GLY C 48 -25.45 -14.58 -7.30
N LEU C 49 -25.82 -13.51 -8.01
CA LEU C 49 -26.83 -12.58 -7.52
C LEU C 49 -28.25 -13.11 -7.47
N ILE C 50 -29.01 -12.61 -6.50
CA ILE C 50 -30.40 -12.98 -6.31
C ILE C 50 -31.28 -11.76 -6.58
N ASP C 51 -32.21 -11.93 -7.51
CA ASP C 51 -33.14 -10.87 -7.89
C ASP C 51 -34.26 -10.93 -6.85
N VAL C 52 -34.14 -10.13 -5.81
CA VAL C 52 -35.13 -10.11 -4.74
C VAL C 52 -36.49 -9.67 -5.26
N ASN C 53 -36.50 -8.91 -6.35
CA ASN C 53 -37.74 -8.45 -6.94
C ASN C 53 -38.49 -9.67 -7.50
N MET C 54 -37.76 -10.52 -8.23
CA MET C 54 -38.33 -11.73 -8.82
C MET C 54 -38.82 -12.67 -7.72
N SER C 55 -38.02 -12.81 -6.66
CA SER C 55 -38.39 -13.67 -5.53
C SER C 55 -39.75 -13.21 -5.00
N SER C 56 -39.94 -11.89 -4.91
CA SER C 56 -41.17 -11.31 -4.41
C SER C 56 -42.37 -11.65 -5.31
N MET C 57 -42.16 -11.59 -6.62
CA MET C 57 -43.21 -11.87 -7.57
C MET C 57 -43.38 -13.36 -7.83
N GLN C 58 -42.87 -14.19 -6.91
CA GLN C 58 -42.97 -15.65 -7.06
C GLN C 58 -43.00 -16.37 -5.72
N ASP C 59 -42.86 -15.61 -4.63
CA ASP C 59 -42.86 -16.18 -3.28
C ASP C 59 -41.79 -17.24 -3.10
N THR C 63 -35.41 -14.75 2.78
CA THR C 63 -34.43 -14.35 3.79
C THR C 63 -34.87 -13.10 4.55
N GLU C 64 -34.44 -13.02 5.80
CA GLU C 64 -34.77 -11.86 6.65
C GLU C 64 -34.20 -10.60 6.01
N THR C 65 -32.88 -10.62 5.76
CA THR C 65 -32.25 -9.46 5.14
C THR C 65 -32.96 -9.14 3.81
N GLN C 66 -33.30 -10.18 3.06
CA GLN C 66 -33.99 -10.00 1.77
C GLN C 66 -35.35 -9.33 1.92
N LYS C 67 -36.06 -9.66 2.99
CA LYS C 67 -37.38 -9.04 3.23
C LYS C 67 -37.20 -7.57 3.58
N ALA C 68 -36.17 -7.29 4.35
CA ALA C 68 -35.88 -5.92 4.77
C ALA C 68 -35.53 -5.07 3.56
N LEU C 69 -34.82 -5.66 2.61
CA LEU C 69 -34.43 -4.98 1.38
C LEU C 69 -35.65 -4.58 0.55
N LEU C 70 -36.60 -5.49 0.42
CA LEU C 70 -37.81 -5.24 -0.36
C LEU C 70 -38.67 -4.12 0.23
N ASP C 71 -38.76 -4.05 1.55
CA ASP C 71 -39.58 -2.99 2.16
C ASP C 71 -38.89 -1.65 1.98
N LEU C 72 -37.57 -1.65 2.07
CA LEU C 72 -36.80 -0.43 1.90
C LEU C 72 -37.07 0.14 0.51
N ALA C 73 -37.01 -0.73 -0.49
CA ALA C 73 -37.24 -0.33 -1.88
C ALA C 73 -38.62 0.28 -2.12
N GLU C 74 -39.63 -0.27 -1.49
CA GLU C 74 -40.98 0.24 -1.68
C GLU C 74 -41.15 1.61 -1.06
N SER C 75 -40.49 1.83 0.08
CA SER C 75 -40.58 3.11 0.79
C SER C 75 -39.87 4.28 0.09
N VAL C 76 -39.07 4.00 -0.93
CA VAL C 76 -38.35 5.07 -1.61
C VAL C 76 -39.24 5.85 -2.58
N ASP C 77 -39.18 7.17 -2.49
CA ASP C 77 -39.96 8.06 -3.35
C ASP C 77 -39.30 8.24 -4.69
N TYR C 78 -39.07 7.12 -5.37
CA TYR C 78 -38.43 7.11 -6.66
C TYR C 78 -38.60 5.69 -7.17
N PRO C 79 -38.74 5.52 -8.48
CA PRO C 79 -38.89 4.18 -9.04
C PRO C 79 -37.54 3.43 -8.98
N ILE C 80 -37.55 2.27 -8.31
CA ILE C 80 -36.34 1.46 -8.16
C ILE C 80 -36.27 0.42 -9.27
N SER C 81 -35.14 0.35 -9.97
CA SER C 81 -35.02 -0.61 -11.06
C SER C 81 -34.73 -2.03 -10.57
N GLU C 82 -33.55 -2.25 -10.02
CA GLU C 82 -33.20 -3.60 -9.54
C GLU C 82 -33.15 -3.63 -8.01
N LYS C 83 -33.48 -4.79 -7.43
CA LYS C 83 -33.45 -5.02 -5.98
C LYS C 83 -32.65 -6.33 -5.90
N LEU C 84 -31.38 -6.20 -5.56
CA LEU C 84 -30.49 -7.34 -5.55
C LEU C 84 -29.93 -7.74 -4.20
N SER C 85 -29.58 -9.02 -4.12
CA SER C 85 -29.00 -9.58 -2.91
C SER C 85 -27.85 -10.50 -3.31
N GLY C 86 -26.85 -10.64 -2.43
CA GLY C 86 -25.72 -11.49 -2.74
C GLY C 86 -24.98 -11.91 -1.48
N SER C 87 -24.42 -13.11 -1.48
CA SER C 87 -23.67 -13.61 -0.33
C SER C 87 -22.25 -13.93 -0.78
N GLY C 88 -21.29 -13.18 -0.24
CA GLY C 88 -19.91 -13.39 -0.61
C GLY C 88 -19.05 -12.19 -0.26
N ASP C 89 -17.96 -12.06 -0.99
CA ASP C 89 -17.00 -10.97 -0.81
C ASP C 89 -17.64 -9.67 -1.29
N LEU C 90 -17.62 -8.65 -0.44
CA LEU C 90 -18.21 -7.34 -0.74
C LEU C 90 -17.78 -6.83 -2.11
N GLY C 91 -16.49 -6.87 -2.38
CA GLY C 91 -15.98 -6.39 -3.66
C GLY C 91 -16.45 -7.22 -4.85
N GLN C 92 -16.37 -8.53 -4.72
CA GLN C 92 -16.79 -9.40 -5.81
C GLN C 92 -18.28 -9.27 -6.10
N VAL C 93 -19.10 -9.19 -5.05
CA VAL C 93 -20.55 -9.11 -5.24
C VAL C 93 -20.97 -7.78 -5.89
N LEU C 94 -20.46 -6.67 -5.38
CA LEU C 94 -20.78 -5.37 -5.96
C LEU C 94 -20.25 -5.26 -7.40
N SER C 95 -19.05 -5.76 -7.62
CA SER C 95 -18.43 -5.75 -8.93
C SER C 95 -19.34 -6.50 -9.93
N ASP C 96 -19.84 -7.65 -9.49
CA ASP C 96 -20.72 -8.48 -10.32
C ASP C 96 -22.00 -7.71 -10.72
N ALA C 97 -22.67 -7.10 -9.74
CA ALA C 97 -23.89 -6.35 -10.03
C ALA C 97 -23.63 -5.17 -10.96
N ILE C 98 -22.54 -4.45 -10.73
CA ILE C 98 -22.19 -3.30 -11.55
C ILE C 98 -22.03 -3.70 -13.00
N GLU C 99 -21.35 -4.84 -13.21
CA GLU C 99 -21.12 -5.35 -14.56
C GLU C 99 -22.39 -5.81 -15.23
N GLN C 100 -23.12 -6.68 -14.54
CA GLN C 100 -24.36 -7.23 -15.11
C GLN C 100 -25.40 -6.17 -15.43
N TYR C 101 -25.52 -5.16 -14.58
CA TYR C 101 -26.54 -4.15 -14.80
C TYR C 101 -26.07 -2.79 -15.34
N ASP C 102 -24.84 -2.71 -15.83
CA ASP C 102 -24.32 -1.47 -16.40
C ASP C 102 -24.49 -0.23 -15.52
N VAL C 103 -24.07 -0.36 -14.28
CA VAL C 103 -24.15 0.73 -13.31
C VAL C 103 -22.98 1.70 -13.53
N ASP C 104 -23.19 2.99 -13.34
CA ASP C 104 -22.07 3.91 -13.50
C ASP C 104 -21.77 4.74 -12.25
N LEU C 105 -22.53 4.55 -11.19
CA LEU C 105 -22.22 5.22 -9.92
C LEU C 105 -22.61 4.28 -8.81
N LEU C 106 -21.67 3.96 -7.93
CA LEU C 106 -21.95 3.10 -6.78
C LEU C 106 -21.99 4.06 -5.59
N VAL C 107 -23.04 3.98 -4.78
CA VAL C 107 -23.18 4.81 -3.58
C VAL C 107 -23.11 3.87 -2.37
N THR C 108 -22.23 4.19 -1.40
CA THR C 108 -22.12 3.34 -0.20
C THR C 108 -22.14 4.26 0.98
N GLY C 109 -22.47 3.73 2.15
CA GLY C 109 -22.49 4.60 3.32
C GLY C 109 -21.67 4.06 4.48
N HIS C 110 -21.33 4.92 5.42
CA HIS C 110 -20.59 4.48 6.59
C HIS C 110 -21.11 5.26 7.78
N HIS C 111 -20.87 4.74 8.97
CA HIS C 111 -21.38 5.37 10.18
C HIS C 111 -20.42 6.26 10.92
N GLN C 112 -19.41 6.75 10.21
CA GLN C 112 -18.43 7.66 10.80
C GLN C 112 -17.86 7.13 12.11
N ASP C 113 -17.47 5.87 12.13
CA ASP C 113 -16.91 5.35 13.36
C ASP C 113 -15.44 4.94 13.24
N PHE C 114 -15.13 3.68 12.95
CA PHE C 114 -13.73 3.28 12.88
C PHE C 114 -13.03 3.49 11.56
N TRP C 115 -11.94 4.27 11.60
CA TRP C 115 -11.17 4.57 10.41
C TRP C 115 -10.81 3.27 9.66
N SER C 116 -10.32 2.31 10.42
CA SER C 116 -9.90 1.04 9.83
C SER C 116 -10.98 0.35 9.02
N LYS C 117 -12.23 0.44 9.49
CA LYS C 117 -13.38 -0.19 8.81
C LYS C 117 -13.72 0.59 7.53
N LEU C 118 -13.74 1.93 7.65
CA LEU C 118 -13.99 2.77 6.49
C LEU C 118 -12.92 2.52 5.43
N MET C 119 -11.67 2.42 5.85
CA MET C 119 -10.60 2.19 4.90
C MET C 119 -10.66 0.83 4.26
N SER C 120 -10.89 -0.23 5.04
CA SER C 120 -10.90 -1.57 4.43
C SER C 120 -12.02 -1.77 3.42
N SER C 121 -13.23 -1.35 3.78
CA SER C 121 -14.39 -1.51 2.90
C SER C 121 -14.27 -0.64 1.65
N THR C 122 -13.73 0.56 1.80
CA THR C 122 -13.63 1.44 0.65
C THR C 122 -12.58 0.94 -0.34
N ARG C 123 -11.41 0.60 0.20
CA ARG C 123 -10.34 0.12 -0.65
C ARG C 123 -10.67 -1.22 -1.31
N GLN C 124 -11.30 -2.13 -0.55
CA GLN C 124 -11.65 -3.44 -1.07
C GLN C 124 -12.56 -3.28 -2.29
N VAL C 125 -13.59 -2.45 -2.17
CA VAL C 125 -14.50 -2.27 -3.30
C VAL C 125 -13.85 -1.48 -4.41
N MET C 126 -13.18 -0.39 -4.05
CA MET C 126 -12.50 0.45 -5.02
C MET C 126 -11.60 -0.38 -5.93
N ASN C 127 -10.86 -1.32 -5.37
CA ASN C 127 -9.93 -2.12 -6.20
C ASN C 127 -10.58 -3.16 -7.10
N THR C 128 -11.91 -3.27 -7.03
CA THR C 128 -12.60 -4.25 -7.87
C THR C 128 -13.51 -3.58 -8.88
N ILE C 129 -13.60 -2.26 -8.85
CA ILE C 129 -14.48 -1.57 -9.79
C ILE C 129 -13.81 -0.58 -10.70
N LYS C 130 -14.51 -0.22 -11.77
CA LYS C 130 -14.00 0.71 -12.74
C LYS C 130 -14.92 1.91 -12.92
N ILE C 131 -15.74 2.19 -11.91
CA ILE C 131 -16.65 3.33 -11.99
C ILE C 131 -16.53 4.21 -10.73
N ASP C 132 -17.18 5.38 -10.79
CA ASP C 132 -17.21 6.34 -9.67
C ASP C 132 -17.92 5.69 -8.49
N MET C 133 -17.44 6.01 -7.29
CA MET C 133 -18.04 5.50 -6.09
C MET C 133 -18.12 6.69 -5.12
N LEU C 134 -19.31 6.96 -4.58
CA LEU C 134 -19.55 8.04 -3.63
C LEU C 134 -19.74 7.36 -2.27
N VAL C 135 -18.84 7.68 -1.33
CA VAL C 135 -18.85 7.11 0.01
C VAL C 135 -19.49 8.19 0.90
N VAL C 136 -20.64 7.85 1.47
CA VAL C 136 -21.45 8.82 2.17
C VAL C 136 -21.52 8.61 3.69
N PRO C 137 -21.26 9.66 4.50
CA PRO C 137 -21.33 9.56 5.97
C PRO C 137 -22.79 9.60 6.39
N LEU C 138 -23.19 8.71 7.28
CA LEU C 138 -24.58 8.65 7.72
C LEU C 138 -24.71 9.04 9.19
N MET D 1 -26.90 21.40 -2.92
CA MET D 1 -25.77 21.33 -3.89
C MET D 1 -24.49 21.56 -3.11
N TYR D 2 -23.36 21.08 -3.63
CA TYR D 2 -22.10 21.27 -2.93
C TYR D 2 -21.66 22.73 -2.96
N LYS D 3 -21.04 23.16 -1.87
CA LYS D 3 -20.54 24.53 -1.74
C LYS D 3 -19.03 24.63 -1.85
N HIS D 4 -18.33 23.53 -1.54
CA HIS D 4 -16.87 23.55 -1.58
C HIS D 4 -16.26 22.17 -1.78
N ILE D 5 -15.69 21.98 -2.97
CA ILE D 5 -15.04 20.74 -3.37
C ILE D 5 -13.52 20.80 -3.15
N LEU D 6 -12.97 19.72 -2.61
CA LEU D 6 -11.52 19.63 -2.36
C LEU D 6 -11.01 18.39 -3.09
N VAL D 7 -10.03 18.58 -3.97
CA VAL D 7 -9.46 17.46 -4.72
C VAL D 7 -8.09 17.13 -4.18
N ALA D 8 -7.88 15.85 -3.84
CA ALA D 8 -6.62 15.38 -3.28
C ALA D 8 -5.77 14.89 -4.44
N VAL D 9 -4.58 15.45 -4.59
CA VAL D 9 -3.72 15.06 -5.69
C VAL D 9 -2.35 14.68 -5.17
N ASP D 10 -1.79 13.64 -5.77
CA ASP D 10 -0.45 13.18 -5.40
C ASP D 10 0.55 13.65 -6.45
N LEU D 11 0.11 14.53 -7.33
CA LEU D 11 0.92 15.12 -8.39
C LEU D 11 1.46 14.14 -9.42
N SER D 12 0.64 13.16 -9.74
CA SER D 12 0.93 12.13 -10.72
C SER D 12 0.27 12.55 -12.03
N GLU D 13 0.34 11.70 -13.05
CA GLU D 13 -0.28 11.99 -14.34
C GLU D 13 -1.80 11.87 -14.16
N GLU D 14 -2.19 11.09 -13.15
CA GLU D 14 -3.59 10.89 -12.81
C GLU D 14 -4.24 12.17 -12.26
N SER D 15 -3.43 13.05 -11.70
CA SER D 15 -3.91 14.29 -11.11
C SER D 15 -4.63 15.25 -12.02
N PRO D 16 -4.07 15.52 -13.22
CA PRO D 16 -4.76 16.46 -14.12
C PRO D 16 -6.17 15.99 -14.44
N ILE D 17 -6.32 14.70 -14.69
CA ILE D 17 -7.61 14.15 -15.02
C ILE D 17 -8.57 14.27 -13.84
N LEU D 18 -8.08 14.01 -12.63
CA LEU D 18 -8.92 14.13 -11.43
C LEU D 18 -9.38 15.58 -11.23
N LEU D 19 -8.47 16.53 -11.47
CA LEU D 19 -8.79 17.94 -11.30
C LEU D 19 -9.85 18.36 -12.30
N LYS D 20 -9.74 17.88 -13.53
CA LYS D 20 -10.73 18.29 -14.51
C LYS D 20 -12.09 17.72 -14.19
N LYS D 21 -12.12 16.50 -13.67
CA LYS D 21 -13.40 15.93 -13.28
C LYS D 21 -14.00 16.76 -12.15
N ALA D 22 -13.17 17.19 -11.19
CA ALA D 22 -13.67 17.97 -10.06
C ALA D 22 -14.19 19.33 -10.54
N VAL D 23 -13.53 19.90 -11.54
CA VAL D 23 -13.95 21.18 -12.11
C VAL D 23 -15.37 21.05 -12.66
N GLY D 24 -15.62 19.96 -13.37
CA GLY D 24 -16.93 19.72 -13.93
C GLY D 24 -17.99 19.70 -12.85
N ILE D 25 -17.66 19.07 -11.73
CA ILE D 25 -18.62 19.02 -10.65
C ILE D 25 -18.80 20.42 -10.08
N ALA D 26 -17.69 21.13 -9.87
CA ALA D 26 -17.80 22.48 -9.28
C ALA D 26 -18.64 23.40 -10.17
N LYS D 27 -18.46 23.28 -11.48
CA LYS D 27 -19.20 24.12 -12.42
C LYS D 27 -20.70 23.90 -12.34
N ARG D 28 -21.10 22.64 -12.15
CA ARG D 28 -22.51 22.28 -12.07
C ARG D 28 -23.12 22.71 -10.72
N HIS D 29 -22.30 22.66 -9.67
CA HIS D 29 -22.77 23.03 -8.34
C HIS D 29 -22.50 24.50 -7.98
N ASP D 30 -21.80 25.22 -8.86
CA ASP D 30 -21.38 26.60 -8.60
C ASP D 30 -20.67 26.60 -7.26
N ALA D 31 -19.76 25.66 -7.12
CA ALA D 31 -19.01 25.51 -5.88
C ALA D 31 -17.59 26.05 -5.93
N LYS D 32 -17.02 26.27 -4.74
CA LYS D 32 -15.63 26.66 -4.65
C LYS D 32 -14.87 25.37 -4.91
N LEU D 33 -13.64 25.51 -5.41
CA LEU D 33 -12.79 24.38 -5.71
C LEU D 33 -11.41 24.62 -5.12
N SER D 34 -10.93 23.64 -4.37
CA SER D 34 -9.62 23.73 -3.74
C SER D 34 -8.85 22.46 -4.03
N ILE D 35 -7.54 22.55 -3.88
CA ILE D 35 -6.65 21.45 -4.17
C ILE D 35 -5.72 21.22 -3.00
N ILE D 36 -5.54 19.95 -2.65
CA ILE D 36 -4.58 19.63 -1.59
C ILE D 36 -3.61 18.58 -2.11
N HIS D 37 -2.32 18.92 -2.06
CA HIS D 37 -1.27 17.99 -2.49
C HIS D 37 -1.05 17.06 -1.30
N VAL D 38 -1.16 15.76 -1.54
CA VAL D 38 -0.94 14.80 -0.48
C VAL D 38 0.35 14.07 -0.77
N ASP D 39 1.30 14.24 0.15
CA ASP D 39 2.59 13.59 0.02
C ASP D 39 2.48 12.20 0.62
N VAL D 40 2.68 11.17 -0.18
CA VAL D 40 2.57 9.80 0.36
C VAL D 40 3.89 9.25 0.91
N ASN D 41 4.96 10.05 0.86
CA ASN D 41 6.27 9.61 1.35
C ASN D 41 6.41 9.86 2.85
N PHE D 42 7.12 9.00 3.56
CA PHE D 42 7.24 9.17 5.00
C PHE D 42 7.94 10.43 5.52
N SER D 43 9.18 10.68 5.08
CA SER D 43 9.92 11.86 5.53
C SER D 43 11.37 11.86 5.04
N LEU D 45 10.75 15.18 9.28
CA LEU D 45 10.17 16.25 8.60
C LEU D 45 9.17 16.96 9.39
N TYR D 46 8.92 17.82 8.49
CA TYR D 46 7.93 18.77 8.52
C TYR D 46 6.74 18.02 8.04
N THR D 47 5.86 17.76 8.99
CA THR D 47 4.62 17.10 8.65
C THR D 47 3.45 18.03 9.00
N GLY D 48 2.26 17.59 8.61
CA GLY D 48 1.05 18.34 8.92
C GLY D 48 0.42 19.02 7.72
N LEU D 49 -0.66 19.74 7.98
CA LEU D 49 -1.40 20.47 6.97
C LEU D 49 -0.81 21.88 6.84
N ILE D 50 -0.52 22.29 5.62
CA ILE D 50 -0.01 23.63 5.42
C ILE D 50 -0.77 24.33 4.29
N ASP D 51 -0.85 25.64 4.40
CA ASP D 51 -1.51 26.45 3.40
C ASP D 51 -0.38 26.98 2.55
N VAL D 52 -0.26 26.47 1.32
CA VAL D 52 0.79 26.89 0.40
C VAL D 52 0.68 28.36 -0.02
N ASN D 53 -0.49 28.99 0.22
CA ASN D 53 -0.69 30.41 -0.12
C ASN D 53 -0.13 31.31 0.95
N MET D 54 0.23 30.69 2.02
CA MET D 54 0.87 31.44 3.09
C MET D 54 1.75 30.49 3.89
N SER D 55 3.00 30.17 3.61
CA SER D 55 3.61 29.22 4.51
C SER D 55 4.77 28.47 3.83
N THR D 65 8.47 20.46 -5.70
CA THR D 65 7.17 20.09 -6.24
C THR D 65 6.19 21.27 -6.19
N GLN D 66 6.68 22.41 -5.71
CA GLN D 66 5.86 23.62 -5.62
C GLN D 66 5.45 23.95 -7.05
N LYS D 67 6.33 23.59 -7.97
CA LYS D 67 6.16 23.82 -9.40
C LYS D 67 4.96 23.03 -9.91
N ALA D 68 5.06 21.71 -9.87
CA ALA D 68 4.00 20.83 -10.33
C ALA D 68 2.63 21.24 -9.81
N LEU D 69 2.55 21.61 -8.53
CA LEU D 69 1.28 22.02 -7.94
C LEU D 69 0.71 23.27 -8.62
N LEU D 70 1.56 24.29 -8.81
CA LEU D 70 1.10 25.52 -9.45
C LEU D 70 0.77 25.28 -10.91
N ASP D 71 1.56 24.46 -11.59
CA ASP D 71 1.29 24.14 -12.98
C ASP D 71 -0.09 23.50 -13.04
N LEU D 72 -0.31 22.50 -12.18
CA LEU D 72 -1.58 21.79 -12.11
C LEU D 72 -2.74 22.77 -11.93
N ALA D 73 -2.58 23.71 -11.01
CA ALA D 73 -3.64 24.68 -10.77
C ALA D 73 -3.87 25.55 -12.01
N GLU D 74 -2.82 25.74 -12.80
CA GLU D 74 -2.92 26.56 -14.00
C GLU D 74 -3.49 25.81 -15.19
N SER D 75 -3.68 24.50 -15.03
CA SER D 75 -4.22 23.68 -16.10
C SER D 75 -5.73 23.86 -16.29
N VAL D 76 -6.37 24.57 -15.36
CA VAL D 76 -7.80 24.82 -15.45
C VAL D 76 -8.07 26.30 -15.24
N ASP D 77 -9.14 26.82 -15.86
CA ASP D 77 -9.47 28.23 -15.70
C ASP D 77 -10.34 28.50 -14.48
N TYR D 78 -11.06 27.47 -14.01
CA TYR D 78 -11.93 27.64 -12.85
C TYR D 78 -11.06 28.16 -11.71
N PRO D 79 -11.57 29.12 -10.92
CA PRO D 79 -10.79 29.67 -9.81
C PRO D 79 -10.51 28.63 -8.74
N ILE D 80 -9.28 28.63 -8.22
CA ILE D 80 -8.92 27.70 -7.16
C ILE D 80 -8.93 28.48 -5.86
N SER D 81 -9.66 28.02 -4.87
CA SER D 81 -9.73 28.73 -3.61
C SER D 81 -8.52 28.48 -2.72
N GLU D 82 -8.44 27.30 -2.12
CA GLU D 82 -7.31 26.99 -1.26
C GLU D 82 -6.33 26.09 -2.01
N LYS D 83 -5.06 26.26 -1.72
CA LYS D 83 -3.98 25.46 -2.30
C LYS D 83 -3.22 24.96 -1.06
N LEU D 84 -3.42 23.68 -0.73
CA LEU D 84 -2.81 23.11 0.47
C LEU D 84 -1.90 21.95 0.21
N SER D 85 -1.15 21.57 1.24
CA SER D 85 -0.27 20.42 1.14
C SER D 85 -0.29 19.73 2.48
N GLY D 86 -0.12 18.42 2.47
CA GLY D 86 -0.12 17.66 3.72
C GLY D 86 0.81 16.48 3.61
N SER D 87 1.39 16.09 4.75
CA SER D 87 2.27 14.96 4.81
C SER D 87 2.14 14.34 6.20
N GLY D 88 2.58 13.09 6.34
CA GLY D 88 2.54 12.41 7.63
C GLY D 88 1.24 11.67 7.83
N ASP D 89 0.45 12.10 8.81
CA ASP D 89 -0.85 11.50 9.10
C ASP D 89 -1.84 12.13 8.12
N LEU D 90 -2.04 11.49 6.96
CA LEU D 90 -2.91 12.07 5.96
C LEU D 90 -4.39 12.03 6.35
N GLY D 91 -4.77 11.07 7.20
CA GLY D 91 -6.16 11.01 7.62
C GLY D 91 -6.46 12.25 8.46
N GLN D 92 -5.52 12.63 9.32
CA GLN D 92 -5.68 13.82 10.16
C GLN D 92 -5.60 15.08 9.29
N VAL D 93 -4.64 15.11 8.37
CA VAL D 93 -4.51 16.26 7.47
C VAL D 93 -5.82 16.48 6.70
N LEU D 94 -6.41 15.42 6.16
CA LEU D 94 -7.64 15.57 5.39
C LEU D 94 -8.80 15.97 6.29
N SER D 95 -8.92 15.31 7.43
CA SER D 95 -9.99 15.67 8.35
C SER D 95 -9.86 17.14 8.78
N ASP D 96 -8.64 17.54 9.13
CA ASP D 96 -8.40 18.91 9.52
C ASP D 96 -8.74 19.89 8.41
N ALA D 97 -8.30 19.61 7.19
CA ALA D 97 -8.58 20.52 6.08
C ALA D 97 -10.08 20.66 5.82
N ILE D 98 -10.78 19.54 5.86
CA ILE D 98 -12.23 19.52 5.60
C ILE D 98 -12.95 20.38 6.62
N GLU D 99 -12.55 20.22 7.88
CA GLU D 99 -13.15 21.02 8.95
C GLU D 99 -12.77 22.51 8.87
N GLN D 100 -11.50 22.79 8.70
CA GLN D 100 -11.06 24.18 8.66
C GLN D 100 -11.64 25.02 7.52
N TYR D 101 -11.76 24.43 6.33
CA TYR D 101 -12.23 25.15 5.15
C TYR D 101 -13.67 24.87 4.68
N ASP D 102 -14.47 24.24 5.54
CA ASP D 102 -15.86 23.93 5.27
C ASP D 102 -16.08 23.26 3.91
N VAL D 103 -15.33 22.20 3.69
CA VAL D 103 -15.40 21.41 2.46
C VAL D 103 -16.57 20.46 2.63
N ASP D 104 -17.31 20.20 1.53
CA ASP D 104 -18.42 19.27 1.64
C ASP D 104 -18.35 18.14 0.61
N LEU D 105 -17.30 18.14 -0.21
CA LEU D 105 -17.08 17.00 -1.12
C LEU D 105 -15.58 16.82 -1.26
N LEU D 106 -15.07 15.64 -0.92
CA LEU D 106 -13.65 15.33 -1.09
C LEU D 106 -13.56 14.43 -2.32
N VAL D 107 -12.63 14.73 -3.22
CA VAL D 107 -12.49 13.92 -4.43
C VAL D 107 -11.10 13.27 -4.39
N THR D 108 -11.04 11.95 -4.53
CA THR D 108 -9.75 11.25 -4.56
C THR D 108 -9.69 10.28 -5.72
N GLY D 109 -8.47 9.84 -6.02
CA GLY D 109 -8.22 8.85 -7.04
C GLY D 109 -8.06 7.47 -6.40
N HIS D 110 -7.52 6.52 -7.15
CA HIS D 110 -7.33 5.12 -6.76
C HIS D 110 -5.87 4.78 -6.42
N HIS D 111 -4.95 5.75 -6.55
CA HIS D 111 -3.52 5.48 -6.35
C HIS D 111 -3.23 4.69 -5.07
N GLN D 112 -2.66 3.50 -5.23
CA GLN D 112 -2.44 2.65 -4.05
C GLN D 112 -1.56 3.22 -2.95
N ASP D 113 -0.51 3.98 -3.30
CA ASP D 113 0.33 4.51 -2.23
C ASP D 113 -0.41 5.50 -1.34
N PHE D 114 -1.39 6.20 -1.91
CA PHE D 114 -2.19 7.15 -1.15
C PHE D 114 -3.02 6.38 -0.14
N TRP D 115 -3.71 5.34 -0.63
CA TRP D 115 -4.53 4.54 0.24
C TRP D 115 -3.70 3.78 1.27
N SER D 116 -2.49 3.35 0.89
CA SER D 116 -1.64 2.65 1.87
C SER D 116 -1.27 3.64 2.99
N LYS D 117 -0.93 4.87 2.59
CA LYS D 117 -0.56 5.89 3.59
C LYS D 117 -1.73 6.24 4.49
N LEU D 118 -2.94 6.29 3.94
CA LEU D 118 -4.11 6.57 4.77
C LEU D 118 -4.28 5.48 5.82
N MET D 119 -3.97 4.24 5.43
CA MET D 119 -4.11 3.13 6.35
C MET D 119 -2.95 3.00 7.34
N SER D 120 -1.74 3.26 6.89
CA SER D 120 -0.58 3.06 7.77
C SER D 120 -0.29 4.18 8.75
N SER D 121 -0.67 5.39 8.37
CA SER D 121 -0.28 6.53 9.17
C SER D 121 -1.31 7.38 9.89
N THR D 122 -2.55 6.91 9.93
CA THR D 122 -3.61 7.64 10.62
C THR D 122 -3.62 7.18 12.07
N ARG D 123 -3.35 8.12 12.97
CA ARG D 123 -3.23 7.84 14.41
C ARG D 123 -4.52 7.63 15.18
N GLN D 124 -5.52 8.46 14.88
CA GLN D 124 -6.81 8.41 15.58
C GLN D 124 -7.68 7.22 15.17
N VAL D 125 -7.97 6.37 16.14
CA VAL D 125 -8.79 5.18 15.87
C VAL D 125 -10.13 5.56 15.25
N MET D 126 -10.73 6.64 15.76
CA MET D 126 -12.03 7.05 15.25
C MET D 126 -11.98 8.15 14.22
N ASN D 127 -10.83 8.35 13.60
CA ASN D 127 -10.72 9.36 12.54
C ASN D 127 -11.82 8.94 11.54
N THR D 128 -12.34 9.88 10.75
CA THR D 128 -13.33 9.52 9.75
C THR D 128 -13.46 10.63 8.72
N ILE D 129 -14.13 10.35 7.60
CA ILE D 129 -14.35 11.40 6.59
C ILE D 129 -15.82 11.77 6.85
N LYS D 130 -16.04 12.96 7.39
CA LYS D 130 -17.38 13.41 7.77
C LYS D 130 -18.22 14.01 6.68
N ILE D 131 -17.72 13.95 5.43
CA ILE D 131 -18.45 14.50 4.29
C ILE D 131 -18.40 13.50 3.13
N ASP D 132 -19.25 13.71 2.13
CA ASP D 132 -19.25 12.82 0.99
C ASP D 132 -17.85 12.73 0.41
N MET D 133 -17.50 11.57 -0.13
CA MET D 133 -16.19 11.43 -0.73
C MET D 133 -16.37 10.67 -2.02
N LEU D 134 -15.91 11.27 -3.11
CA LEU D 134 -16.03 10.61 -4.42
C LEU D 134 -14.67 10.01 -4.77
N VAL D 135 -14.66 8.71 -5.03
CA VAL D 135 -13.44 7.97 -5.33
C VAL D 135 -13.57 7.68 -6.83
N VAL D 136 -12.61 8.20 -7.57
CA VAL D 136 -12.63 8.16 -9.04
C VAL D 136 -11.65 7.15 -9.64
N PRO D 137 -12.15 6.27 -10.55
CA PRO D 137 -11.29 5.27 -11.19
C PRO D 137 -10.34 5.89 -12.22
S SO4 E . 24.56 -16.95 1.90
O1 SO4 E . 23.70 -18.02 1.36
O2 SO4 E . 24.01 -16.44 3.18
O3 SO4 E . 24.61 -15.85 0.94
O4 SO4 E . 25.92 -17.47 2.13
S SO4 F . 5.38 -6.55 -10.22
O1 SO4 F . 6.08 -5.26 -10.02
O2 SO4 F . 6.25 -7.64 -9.73
O3 SO4 F . 4.08 -6.55 -9.51
O4 SO4 F . 5.15 -6.76 -11.67
S SO4 G . -23.64 15.84 -9.87
O1 SO4 G . -22.56 16.60 -10.52
O2 SO4 G . -23.45 14.40 -10.15
O3 SO4 G . -23.61 16.01 -8.40
O4 SO4 G . -24.95 16.26 -10.39
S SO4 H . 4.69 9.58 9.23
O1 SO4 H . 4.44 10.77 10.10
O2 SO4 H . 5.94 8.90 9.66
O3 SO4 H . 3.57 8.64 9.38
O4 SO4 H . 4.83 10.01 7.81
#